data_9C75
#
_entry.id   9C75
#
_cell.length_a   90.878
_cell.length_b   105.014
_cell.length_c   186.603
_cell.angle_alpha   90.000
_cell.angle_beta   90.000
_cell.angle_gamma   90.000
#
_symmetry.space_group_name_H-M   'I 2 2 2'
#
loop_
_entity.id
_entity.type
_entity.pdbx_description
1 polymer 'BL3-6 Fab Heavy Chain'
2 polymer 'BL3-6 Fab Light Chain'
3 polymer 'Rev Response Element'
#
loop_
_entity_poly.entity_id
_entity_poly.type
_entity_poly.pdbx_seq_one_letter_code
_entity_poly.pdbx_strand_id
1 'polypeptide(L)'
;EISEVQLVESGGGLVQPGGSLRLSCAASGFYISYSSIHWVRQAPGKGLEWVASISPYSGSTYYADSVKGRFTISADTSKN
TAYLQMNSLRAEDTAVYYCARQGYRRRSGRGFDYWGQGTLVTVSSASTKGPSVFPLAPSSKSTSGGTAALGCLVKDYFPE
PVTVSWNSGALTSGVHTFPAVLQSSGLYSLSSVVTVPSSSLGTQTYICNVNHKPSNTKVDKKVEPKSCDKTHT
;
H
2 'polypeptide(L)'
;SDIQMTQSPSSLSASVGDRVTITCRASQSVSSAVAWYQQKPGKAPKLLIYSASSLYSGVPSRFSGSRSGTDFTLTISSLQ
PEDFATYYCQQSYSFPSTFGQGTKVEIKRTVAAPSVFIFPPSDEQLKSGTASVVCLLNNFYPREAKVQWKVDNALQSGNS
QESVTEQDSKDSTYSLSSTLTLSKADYEKHKVYACEVTHQGLSSPVTKSFNRGEC
;
L
3 'polyribonucleotide' GGCACUAUGGGCGCAGCGUCAAUGACGCUGACGUUACAGGCCAGACAAGAAACACUUGUCUGAUAUAGUGCC R
#
loop_
_chem_comp.id
_chem_comp.type
_chem_comp.name
_chem_comp.formula
A RNA linking ADENOSINE-5'-MONOPHOSPHATE 'C10 H14 N5 O7 P'
C RNA linking CYTIDINE-5'-MONOPHOSPHATE 'C9 H14 N3 O8 P'
G RNA linking GUANOSINE-5'-MONOPHOSPHATE 'C10 H14 N5 O8 P'
U RNA linking URIDINE-5'-MONOPHOSPHATE 'C9 H13 N2 O9 P'
#
# COMPACT_ATOMS: atom_id res chain seq x y z
N SER A 3 -12.70 3.05 25.33
CA SER A 3 -11.43 2.77 24.66
C SER A 3 -11.00 1.35 24.95
N GLU A 4 -11.51 0.77 26.04
CA GLU A 4 -11.26 -0.65 26.23
C GLU A 4 -11.89 -1.51 25.14
N VAL A 5 -12.68 -0.92 24.24
CA VAL A 5 -13.30 -1.71 23.19
C VAL A 5 -12.22 -2.05 22.16
N GLN A 6 -12.10 -3.32 21.84
CA GLN A 6 -11.06 -3.76 20.93
C GLN A 6 -11.58 -4.90 20.08
N LEU A 7 -10.98 -5.05 18.91
CA LEU A 7 -11.20 -6.21 18.04
C LEU A 7 -9.85 -6.70 17.55
N VAL A 8 -9.64 -8.00 17.58
CA VAL A 8 -8.33 -8.54 17.21
C VAL A 8 -8.51 -9.73 16.28
N GLU A 9 -7.97 -9.62 15.07
CA GLU A 9 -8.08 -10.73 14.14
C GLU A 9 -6.88 -11.64 14.24
N SER A 10 -7.06 -12.84 13.74
CA SER A 10 -5.97 -13.79 13.75
C SER A 10 -6.32 -14.88 12.76
N GLY A 11 -5.33 -15.68 12.42
CA GLY A 11 -5.57 -16.89 11.68
C GLY A 11 -5.22 -16.86 10.22
N GLY A 12 -4.56 -15.79 9.75
CA GLY A 12 -4.23 -15.67 8.35
C GLY A 12 -2.84 -16.21 8.01
N GLY A 13 -2.51 -16.13 6.73
CA GLY A 13 -1.26 -16.64 6.21
C GLY A 13 -1.45 -17.18 4.80
N LEU A 14 -0.47 -17.95 4.33
CA LEU A 14 -0.49 -18.44 2.96
C LEU A 14 -1.14 -19.81 2.86
N VAL A 15 -1.94 -19.99 1.81
CA VAL A 15 -2.71 -21.19 1.58
C VAL A 15 -2.65 -21.48 0.09
N GLN A 16 -2.60 -22.74 -0.26
CA GLN A 16 -2.68 -23.04 -1.67
C GLN A 16 -4.09 -22.73 -2.19
N PRO A 17 -4.21 -22.49 -3.48
CA PRO A 17 -5.54 -22.40 -4.08
C PRO A 17 -6.31 -23.69 -3.80
N GLY A 18 -7.61 -23.54 -3.54
CA GLY A 18 -8.41 -24.65 -3.11
C GLY A 18 -8.27 -24.97 -1.63
N GLY A 19 -7.46 -24.22 -0.88
CA GLY A 19 -7.24 -24.51 0.53
C GLY A 19 -8.36 -24.01 1.41
N SER A 20 -8.07 -23.85 2.70
CA SER A 20 -9.04 -23.17 3.56
C SER A 20 -8.33 -22.56 4.75
N LEU A 21 -8.94 -21.49 5.25
CA LEU A 21 -8.34 -20.73 6.33
C LEU A 21 -9.49 -20.25 7.21
N ARG A 22 -9.28 -20.25 8.52
CA ARG A 22 -10.31 -19.83 9.47
C ARG A 22 -9.83 -18.68 10.34
N LEU A 23 -10.32 -17.48 10.02
CA LEU A 23 -10.02 -16.28 10.78
C LEU A 23 -10.86 -16.20 12.06
N SER A 24 -10.27 -15.61 13.09
CA SER A 24 -10.98 -15.26 14.31
C SER A 24 -10.99 -13.75 14.46
N CYS A 25 -11.85 -13.32 15.38
CA CYS A 25 -12.00 -11.91 15.71
C CYS A 25 -12.39 -11.86 17.19
N ALA A 26 -11.54 -11.25 18.01
CA ALA A 26 -11.60 -11.38 19.46
C ALA A 26 -12.07 -10.05 20.03
N ALA A 27 -13.39 -9.96 20.24
CA ALA A 27 -14.01 -8.81 20.89
C ALA A 27 -13.59 -8.80 22.35
N SER A 28 -12.99 -7.70 22.76
CA SER A 28 -12.78 -7.40 24.17
C SER A 28 -13.27 -5.98 24.46
N GLY A 29 -13.99 -5.81 25.55
CA GLY A 29 -14.56 -4.52 25.90
C GLY A 29 -16.03 -4.35 25.59
N PHE A 30 -16.68 -5.34 24.99
CA PHE A 30 -18.13 -5.34 24.75
C PHE A 30 -18.52 -6.77 24.40
N TYR A 31 -19.82 -7.05 24.40
CA TYR A 31 -20.27 -8.39 24.07
C TYR A 31 -20.73 -8.46 22.63
N ILE A 32 -20.08 -9.35 21.89
CA ILE A 32 -20.44 -9.71 20.52
C ILE A 32 -21.93 -9.97 20.35
N SER A 33 -22.60 -10.46 21.40
CA SER A 33 -23.96 -10.99 21.30
C SER A 33 -24.95 -9.98 20.76
N TYR A 34 -24.64 -8.69 20.93
CA TYR A 34 -25.61 -7.62 20.84
C TYR A 34 -25.29 -6.65 19.73
N SER A 35 -24.37 -7.03 18.86
CA SER A 35 -23.90 -6.17 17.81
C SER A 35 -23.97 -6.99 16.54
N SER A 36 -24.05 -6.30 15.41
CA SER A 36 -23.80 -6.94 14.12
C SER A 36 -22.30 -6.88 13.91
N ILE A 37 -21.75 -7.97 13.40
CA ILE A 37 -20.32 -8.16 13.21
C ILE A 37 -20.08 -8.36 11.73
N HIS A 38 -19.09 -7.64 11.16
CA HIS A 38 -18.83 -7.74 9.73
C HIS A 38 -17.38 -8.09 9.46
N TRP A 39 -17.17 -8.75 8.33
CA TRP A 39 -15.85 -8.93 7.76
C TRP A 39 -15.75 -8.08 6.48
N VAL A 40 -14.72 -7.24 6.44
CA VAL A 40 -14.34 -6.45 5.27
C VAL A 40 -12.89 -6.79 4.90
N ARG A 41 -12.68 -7.17 3.64
CA ARG A 41 -11.33 -7.35 3.14
C ARG A 41 -10.86 -6.15 2.31
N GLN A 42 -9.54 -6.04 2.17
CA GLN A 42 -8.94 -4.98 1.36
C GLN A 42 -7.77 -5.54 0.56
N ALA A 43 -8.04 -5.86 -0.70
CA ALA A 43 -6.99 -6.36 -1.59
C ALA A 43 -5.84 -5.35 -1.63
N PRO A 44 -4.59 -5.82 -1.65
CA PRO A 44 -3.47 -4.90 -1.48
C PRO A 44 -3.33 -3.99 -2.69
N GLY A 45 -3.24 -2.70 -2.41
CA GLY A 45 -3.37 -1.69 -3.44
C GLY A 45 -4.80 -1.32 -3.80
N LYS A 46 -5.81 -1.94 -3.20
CA LYS A 46 -7.19 -1.62 -3.56
C LYS A 46 -7.94 -0.97 -2.40
N GLY A 47 -9.23 -0.80 -2.63
CA GLY A 47 -10.13 -0.28 -1.63
C GLY A 47 -10.76 -1.40 -0.83
N LEU A 48 -11.85 -1.05 -0.12
CA LEU A 48 -12.54 -1.94 0.82
C LEU A 48 -13.60 -2.73 0.06
N GLU A 49 -13.66 -4.03 0.31
CA GLU A 49 -14.75 -4.84 -0.22
C GLU A 49 -15.41 -5.55 0.95
N TRP A 50 -16.74 -5.51 0.99
CA TRP A 50 -17.47 -6.14 2.08
C TRP A 50 -17.56 -7.62 1.82
N VAL A 51 -17.48 -8.43 2.87
CA VAL A 51 -17.45 -9.88 2.71
C VAL A 51 -18.67 -10.53 3.33
N ALA A 52 -18.97 -10.21 4.60
CA ALA A 52 -20.09 -10.89 5.25
C ALA A 52 -20.51 -10.22 6.56
N SER A 53 -21.71 -10.58 7.01
CA SER A 53 -22.12 -10.17 8.33
C SER A 53 -23.03 -11.23 8.94
N ILE A 54 -22.98 -11.30 10.27
CA ILE A 54 -23.95 -12.06 11.04
C ILE A 54 -24.62 -11.09 11.97
N SER A 55 -25.87 -11.18 12.04
CA SER A 55 -26.74 -10.26 12.74
C SER A 55 -27.05 -10.78 14.13
N PRO A 56 -27.30 -9.87 15.07
CA PRO A 56 -27.51 -10.28 16.46
C PRO A 56 -28.88 -10.92 16.65
N TYR A 57 -28.96 -11.74 17.70
CA TYR A 57 -30.16 -12.42 18.16
C TYR A 57 -30.61 -13.50 17.19
N SER A 58 -30.95 -13.11 15.97
CA SER A 58 -31.38 -14.11 14.99
C SER A 58 -30.22 -14.93 14.41
N GLY A 59 -28.98 -14.45 14.51
CA GLY A 59 -27.88 -15.20 13.96
C GLY A 59 -27.97 -15.30 12.46
N SER A 60 -28.87 -14.52 11.89
CA SER A 60 -29.05 -14.47 10.46
C SER A 60 -27.75 -13.93 9.86
N THR A 61 -27.29 -14.53 8.76
CA THR A 61 -26.03 -14.15 8.12
C THR A 61 -26.29 -13.66 6.71
N TYR A 62 -25.31 -12.94 6.14
CA TYR A 62 -25.36 -12.42 4.78
C TYR A 62 -23.97 -12.42 4.16
N TYR A 63 -23.88 -12.73 2.86
CA TYR A 63 -22.59 -12.85 2.19
C TYR A 63 -22.52 -12.00 0.91
N ALA A 64 -21.29 -11.60 0.58
CA ALA A 64 -20.99 -10.98 -0.71
C ALA A 64 -21.23 -11.97 -1.85
N ASP A 65 -21.67 -11.42 -2.99
CA ASP A 65 -21.93 -12.23 -4.17
C ASP A 65 -20.71 -13.06 -4.55
N SER A 66 -19.53 -12.49 -4.34
CA SER A 66 -18.29 -13.10 -4.76
C SER A 66 -17.87 -14.25 -3.89
N VAL A 67 -18.31 -14.26 -2.63
CA VAL A 67 -17.91 -15.31 -1.70
C VAL A 67 -19.10 -16.18 -1.33
N LYS A 68 -20.27 -15.92 -1.90
CA LYS A 68 -21.51 -16.53 -1.44
C LYS A 68 -21.52 -18.04 -1.73
N GLY A 69 -20.91 -18.81 -0.86
CA GLY A 69 -20.86 -20.25 -1.07
C GLY A 69 -19.58 -20.89 -0.55
N ARG A 70 -18.54 -20.09 -0.36
CA ARG A 70 -17.23 -20.56 0.07
C ARG A 70 -16.89 -20.11 1.48
N PHE A 71 -17.32 -18.90 1.85
CA PHE A 71 -17.09 -18.31 3.16
C PHE A 71 -18.35 -18.47 4.02
N THR A 72 -18.14 -18.60 5.33
CA THR A 72 -19.21 -18.74 6.31
C THR A 72 -18.89 -17.99 7.58
N ILE A 73 -19.77 -17.08 7.97
CA ILE A 73 -19.58 -16.27 9.16
C ILE A 73 -20.34 -16.90 10.32
N SER A 74 -19.74 -16.77 11.51
CA SER A 74 -20.32 -17.38 12.69
C SER A 74 -19.79 -16.65 13.92
N ALA A 75 -20.62 -16.53 14.95
CA ALA A 75 -20.14 -16.07 16.25
C ALA A 75 -20.23 -17.19 17.27
N ASP A 76 -19.31 -17.17 18.23
CA ASP A 76 -19.40 -17.98 19.45
C ASP A 76 -19.54 -17.01 20.62
N THR A 77 -20.80 -16.82 21.06
CA THR A 77 -21.07 -15.91 22.16
C THR A 77 -20.34 -16.33 23.43
N SER A 78 -20.25 -17.64 23.67
CA SER A 78 -19.50 -18.14 24.82
C SER A 78 -18.03 -17.76 24.75
N LYS A 79 -17.48 -17.60 23.56
CA LYS A 79 -16.08 -17.23 23.42
C LYS A 79 -15.89 -15.75 23.07
N ASN A 80 -16.98 -15.03 22.77
CA ASN A 80 -16.94 -13.61 22.38
C ASN A 80 -16.01 -13.42 21.18
N THR A 81 -16.13 -14.35 20.25
CA THR A 81 -15.31 -14.42 19.05
C THR A 81 -16.20 -14.80 17.89
N ALA A 82 -16.13 -13.99 16.83
CA ALA A 82 -16.79 -14.32 15.57
C ALA A 82 -15.77 -14.90 14.59
N TYR A 83 -16.17 -15.91 13.83
CA TYR A 83 -15.23 -16.60 12.95
C TYR A 83 -15.57 -16.35 11.49
N LEU A 84 -14.61 -16.70 10.63
CA LEU A 84 -14.78 -16.67 9.18
C LEU A 84 -14.21 -17.95 8.60
N GLN A 85 -15.08 -18.83 8.12
CA GLN A 85 -14.62 -20.04 7.47
C GLN A 85 -14.56 -19.79 5.99
N MET A 86 -13.34 -19.67 5.49
CA MET A 86 -13.02 -19.58 4.08
C MET A 86 -12.66 -20.97 3.58
N ASN A 87 -13.41 -21.47 2.61
CA ASN A 87 -13.13 -22.71 1.91
C ASN A 87 -12.68 -22.45 0.49
N SER A 88 -12.17 -23.51 -0.16
CA SER A 88 -11.89 -23.56 -1.60
C SER A 88 -11.43 -22.18 -2.05
N LEU A 89 -10.34 -21.73 -1.43
CA LEU A 89 -9.83 -20.40 -1.69
C LEU A 89 -9.36 -20.26 -3.14
N ARG A 90 -9.55 -19.05 -3.67
CA ARG A 90 -9.02 -18.60 -4.94
C ARG A 90 -8.00 -17.49 -4.67
N ALA A 91 -7.15 -17.19 -5.66
CA ALA A 91 -6.12 -16.18 -5.40
C ALA A 91 -6.70 -14.79 -5.15
N GLU A 92 -7.77 -14.40 -5.86
CA GLU A 92 -8.36 -13.08 -5.69
C GLU A 92 -8.98 -12.88 -4.33
N ASP A 93 -9.05 -13.94 -3.53
CA ASP A 93 -9.32 -13.83 -2.11
C ASP A 93 -8.16 -13.26 -1.32
N THR A 94 -7.00 -13.12 -1.92
CA THR A 94 -5.89 -12.49 -1.22
C THR A 94 -6.28 -11.05 -0.87
N ALA A 95 -6.22 -10.73 0.42
CA ALA A 95 -6.30 -9.37 0.93
C ALA A 95 -5.88 -9.39 2.39
N VAL A 96 -5.75 -8.18 2.95
CA VAL A 96 -5.97 -7.97 4.39
C VAL A 96 -7.45 -8.09 4.70
N TYR A 97 -7.76 -8.83 5.76
CA TYR A 97 -9.13 -9.06 6.19
C TYR A 97 -9.34 -8.37 7.53
N TYR A 98 -10.35 -7.53 7.62
CA TYR A 98 -10.71 -6.78 8.82
C TYR A 98 -12.04 -7.26 9.37
N CYS A 99 -12.17 -7.36 10.68
CA CYS A 99 -13.50 -7.47 11.26
C CYS A 99 -13.90 -6.14 11.88
N ALA A 100 -15.20 -5.83 11.77
CA ALA A 100 -15.73 -4.54 12.19
C ALA A 100 -17.07 -4.74 12.89
N ARG A 101 -17.34 -3.88 13.90
CA ARG A 101 -18.59 -3.91 14.63
C ARG A 101 -19.50 -2.80 14.16
N GLN A 102 -20.75 -3.16 13.91
CA GLN A 102 -21.78 -2.18 13.63
C GLN A 102 -22.23 -1.56 14.95
N GLY A 103 -22.12 -0.22 15.04
CA GLY A 103 -22.44 0.45 16.27
C GLY A 103 -23.94 0.47 16.56
N TYR A 104 -24.26 1.03 17.72
CA TYR A 104 -25.60 0.90 18.25
C TYR A 104 -26.60 1.74 17.47
N ARG A 105 -27.71 1.09 17.06
CA ARG A 105 -28.74 1.67 16.21
C ARG A 105 -29.04 3.15 16.49
N ARG A 106 -29.09 3.52 17.77
CA ARG A 106 -29.49 4.85 18.21
C ARG A 106 -28.28 5.73 18.53
N ARG A 107 -27.06 5.33 18.10
CA ARG A 107 -25.83 6.08 18.39
C ARG A 107 -24.90 6.28 17.20
N SER A 108 -24.95 5.33 16.29
CA SER A 108 -24.18 5.46 15.05
C SER A 108 -24.92 4.87 13.87
N GLY A 109 -26.22 4.65 13.97
CA GLY A 109 -26.94 4.07 12.86
C GLY A 109 -26.37 2.72 12.48
N ARG A 110 -26.17 2.52 11.17
CA ARG A 110 -25.53 1.30 10.68
C ARG A 110 -24.03 1.49 10.39
N GLY A 111 -23.44 2.60 10.85
CA GLY A 111 -21.99 2.77 10.74
C GLY A 111 -21.22 1.68 11.47
N PHE A 112 -20.08 1.29 10.88
CA PHE A 112 -19.12 0.39 11.50
C PHE A 112 -18.19 1.25 12.34
N ASP A 113 -18.29 1.17 13.69
CA ASP A 113 -17.65 2.16 14.56
C ASP A 113 -16.33 1.70 15.16
N TYR A 114 -16.09 0.40 15.28
CA TYR A 114 -14.81 -0.14 15.72
C TYR A 114 -14.37 -1.16 14.70
N TRP A 115 -13.09 -1.10 14.32
CA TRP A 115 -12.49 -2.03 13.35
C TRP A 115 -11.31 -2.75 13.95
N GLY A 116 -11.13 -3.99 13.52
CA GLY A 116 -9.94 -4.73 13.85
C GLY A 116 -8.68 -4.06 13.31
N GLN A 117 -7.60 -4.82 13.41
CA GLN A 117 -6.28 -4.44 12.96
C GLN A 117 -6.02 -4.87 11.53
N GLY A 118 -6.72 -5.92 11.09
CA GLY A 118 -6.53 -6.56 9.80
C GLY A 118 -5.66 -7.80 9.91
N THR A 119 -6.08 -8.94 9.34
CA THR A 119 -5.21 -10.10 9.18
C THR A 119 -4.95 -10.36 7.69
N LEU A 120 -3.69 -10.48 7.34
CA LEU A 120 -3.32 -10.72 5.96
C LEU A 120 -3.38 -12.20 5.61
N VAL A 121 -3.96 -12.47 4.45
CA VAL A 121 -4.14 -13.81 3.90
C VAL A 121 -3.72 -13.77 2.43
N THR A 122 -2.75 -14.61 2.07
CA THR A 122 -2.31 -14.81 0.69
C THR A 122 -2.79 -16.16 0.18
N VAL A 123 -3.35 -16.19 -1.02
CA VAL A 123 -3.62 -17.45 -1.70
C VAL A 123 -2.68 -17.54 -2.89
N SER A 124 -1.89 -18.59 -2.91
CA SER A 124 -0.87 -18.75 -3.91
C SER A 124 -0.49 -20.20 -3.85
N SER A 125 -0.18 -20.77 -5.00
CA SER A 125 0.49 -22.05 -5.02
C SER A 125 2.01 -21.90 -5.13
N ALA A 126 2.49 -20.67 -5.26
CA ALA A 126 3.91 -20.40 -5.05
C ALA A 126 4.27 -20.70 -3.61
N SER A 127 5.50 -21.10 -3.41
CA SER A 127 5.95 -21.51 -2.10
C SER A 127 6.75 -20.39 -1.44
N THR A 128 7.16 -20.62 -0.20
CA THR A 128 7.87 -19.60 0.55
C THR A 128 9.23 -19.37 -0.09
N LYS A 129 9.68 -18.12 -0.12
CA LYS A 129 11.04 -17.84 -0.57
C LYS A 129 11.63 -16.63 0.14
N GLY A 130 12.76 -16.82 0.82
CA GLY A 130 13.53 -15.73 1.36
C GLY A 130 14.09 -14.87 0.26
N PRO A 131 14.32 -13.58 0.55
CA PRO A 131 14.78 -12.65 -0.49
C PRO A 131 16.29 -12.58 -0.56
N SER A 132 16.79 -12.41 -1.79
CA SER A 132 18.21 -12.17 -2.02
C SER A 132 18.47 -10.66 -1.97
N VAL A 133 19.49 -10.27 -1.21
CA VAL A 133 19.75 -8.87 -0.90
C VAL A 133 21.05 -8.47 -1.57
N PHE A 134 20.95 -7.58 -2.53
CA PHE A 134 22.05 -7.04 -3.28
C PHE A 134 22.21 -5.57 -2.97
N PRO A 135 23.42 -5.05 -2.97
CA PRO A 135 23.59 -3.64 -2.67
C PRO A 135 23.58 -2.78 -3.92
N LEU A 136 22.77 -1.72 -3.91
CA LEU A 136 22.98 -0.62 -4.84
C LEU A 136 24.04 0.31 -4.26
N ALA A 137 25.31 0.20 -4.79
CA ALA A 137 26.46 0.89 -4.21
C ALA A 137 26.47 2.37 -4.58
N PRO A 138 26.81 3.25 -3.63
CA PRO A 138 26.85 4.68 -3.94
C PRO A 138 28.04 4.99 -4.82
N SER A 139 27.82 5.26 -6.10
CA SER A 139 28.92 5.69 -6.95
C SER A 139 29.23 7.13 -6.60
N SER A 140 30.15 7.31 -5.66
CA SER A 140 30.73 8.63 -5.43
C SER A 140 31.56 9.12 -6.61
N LYS A 141 31.68 8.28 -7.65
CA LYS A 141 32.13 8.69 -8.97
C LYS A 141 31.50 10.03 -9.33
N SER A 142 30.25 10.22 -8.94
CA SER A 142 29.57 11.50 -9.04
C SER A 142 29.01 11.90 -7.68
N THR A 143 29.38 13.11 -7.20
CA THR A 143 28.83 13.72 -5.97
C THR A 143 28.73 15.24 -6.21
N SER A 144 27.54 15.68 -6.64
CA SER A 144 27.29 17.09 -6.96
C SER A 144 26.84 17.91 -5.77
N GLY A 145 25.69 17.54 -5.19
CA GLY A 145 25.20 18.20 -4.00
C GLY A 145 25.79 17.56 -2.76
N GLY A 146 26.99 16.99 -2.90
CA GLY A 146 27.67 16.33 -1.80
C GLY A 146 26.79 15.25 -1.20
N THR A 147 25.97 14.63 -2.03
CA THR A 147 24.96 13.67 -1.57
C THR A 147 24.83 12.55 -2.58
N ALA A 148 25.35 11.38 -2.23
CA ALA A 148 25.15 10.16 -3.00
C ALA A 148 23.95 9.38 -2.46
N ALA A 149 23.39 8.53 -3.33
CA ALA A 149 22.28 7.64 -2.96
C ALA A 149 22.77 6.20 -2.91
N LEU A 150 22.41 5.50 -1.84
CA LEU A 150 22.79 4.11 -1.66
C LEU A 150 21.55 3.32 -1.23
N GLY A 151 21.59 2.02 -1.46
CA GLY A 151 20.42 1.24 -1.09
C GLY A 151 20.67 -0.25 -1.17
N CYS A 152 19.61 -1.00 -0.91
CA CYS A 152 19.62 -2.44 -1.00
C CYS A 152 18.52 -2.87 -1.95
N LEU A 153 18.85 -3.75 -2.90
CA LEU A 153 17.82 -4.41 -3.70
C LEU A 153 17.46 -5.73 -3.03
N VAL A 154 16.17 -5.90 -2.72
CA VAL A 154 15.65 -7.08 -2.03
C VAL A 154 14.81 -7.88 -3.02
N LYS A 155 15.41 -8.89 -3.66
CA LYS A 155 14.87 -9.46 -4.89
C LYS A 155 14.35 -10.87 -4.68
N ASP A 156 13.24 -11.17 -5.36
CA ASP A 156 12.73 -12.53 -5.55
C ASP A 156 12.47 -13.25 -4.21
N TYR A 157 11.44 -12.74 -3.53
CA TYR A 157 10.91 -13.32 -2.29
C TYR A 157 9.42 -13.63 -2.43
N PHE A 158 8.91 -14.40 -1.46
CA PHE A 158 7.48 -14.72 -1.37
C PHE A 158 7.07 -15.36 -0.04
N PRO A 159 5.91 -14.97 0.47
CA PRO A 159 5.19 -13.76 0.13
C PRO A 159 5.83 -12.60 0.87
N GLU A 160 5.04 -11.57 1.01
CA GLU A 160 5.39 -10.39 1.77
C GLU A 160 4.56 -10.36 3.04
N PRO A 161 4.94 -9.54 4.05
CA PRO A 161 5.88 -8.41 4.04
C PRO A 161 7.35 -8.70 4.28
N VAL A 162 8.11 -7.63 4.07
CA VAL A 162 9.52 -7.54 4.39
C VAL A 162 9.71 -6.34 5.31
N THR A 163 10.77 -6.39 6.13
CA THR A 163 11.11 -5.35 7.08
C THR A 163 12.52 -4.84 6.78
N VAL A 164 12.63 -3.63 6.25
CA VAL A 164 13.94 -3.05 5.96
C VAL A 164 14.16 -1.84 6.87
N SER A 165 14.92 -2.05 7.94
CA SER A 165 15.56 -1.00 8.68
C SER A 165 16.85 -0.63 7.97
N TRP A 166 17.50 0.43 8.45
CA TRP A 166 18.83 0.80 7.98
C TRP A 166 19.68 1.07 9.20
N ASN A 167 20.92 0.59 9.18
CA ASN A 167 21.85 0.74 10.30
C ASN A 167 21.11 0.59 11.63
N SER A 168 20.35 -0.50 11.73
CA SER A 168 19.60 -0.88 12.91
C SER A 168 18.88 0.31 13.53
N GLY A 169 17.92 0.84 12.79
CA GLY A 169 17.01 1.83 13.34
C GLY A 169 17.50 3.25 13.35
N ALA A 170 18.79 3.46 13.62
CA ALA A 170 19.33 4.77 13.35
C ALA A 170 19.27 5.02 11.85
N LEU A 171 19.61 6.23 11.42
CA LEU A 171 19.48 6.62 10.02
C LEU A 171 18.11 6.19 9.48
N THR A 172 17.06 6.77 10.07
CA THR A 172 15.72 6.67 9.50
C THR A 172 15.42 7.80 8.52
N SER A 173 16.26 8.82 8.48
CA SER A 173 15.90 10.04 7.79
C SER A 173 16.38 9.99 6.35
N GLY A 174 15.53 10.45 5.44
CA GLY A 174 15.81 10.35 4.02
C GLY A 174 15.69 8.96 3.47
N VAL A 175 15.15 8.01 4.24
CA VAL A 175 15.02 6.62 3.81
C VAL A 175 13.72 6.47 3.06
N HIS A 176 13.80 5.82 1.90
CA HIS A 176 12.66 5.59 1.01
C HIS A 176 12.64 4.09 0.68
N THR A 177 11.91 3.30 1.46
CA THR A 177 11.63 1.93 1.08
C THR A 177 10.41 1.94 0.16
N PHE A 178 10.48 1.20 -0.93
CA PHE A 178 9.48 1.22 -2.00
C PHE A 178 8.51 0.06 -1.86
N PRO A 179 7.37 0.14 -2.53
CA PRO A 179 6.48 -1.01 -2.58
C PRO A 179 7.14 -2.18 -3.28
N ALA A 180 6.78 -3.39 -2.84
CA ALA A 180 7.14 -4.55 -3.61
C ALA A 180 6.40 -4.53 -4.94
N VAL A 181 6.96 -5.21 -5.94
CA VAL A 181 6.32 -5.39 -7.24
C VAL A 181 6.33 -6.89 -7.57
N LEU A 182 5.20 -7.39 -8.08
CA LEU A 182 5.11 -8.77 -8.59
C LEU A 182 5.73 -8.89 -9.98
N GLN A 183 6.60 -9.87 -10.13
CA GLN A 183 7.30 -10.06 -11.38
C GLN A 183 6.67 -11.22 -12.15
N SER A 184 7.02 -11.29 -13.43
CA SER A 184 6.43 -12.33 -14.27
C SER A 184 6.70 -13.71 -13.70
N SER A 185 7.78 -13.84 -12.91
CA SER A 185 8.03 -15.07 -12.18
C SER A 185 6.90 -15.41 -11.21
N GLY A 186 6.31 -14.39 -10.59
CA GLY A 186 5.41 -14.62 -9.48
C GLY A 186 6.04 -14.42 -8.13
N LEU A 187 7.27 -13.91 -8.09
CA LEU A 187 7.87 -13.47 -6.85
C LEU A 187 7.86 -11.95 -6.77
N TYR A 188 8.03 -11.44 -5.55
CA TYR A 188 8.11 -10.01 -5.29
C TYR A 188 9.55 -9.56 -5.16
N SER A 189 9.73 -8.27 -5.41
CA SER A 189 11.01 -7.59 -5.32
C SER A 189 10.71 -6.17 -4.92
N LEU A 190 11.48 -5.64 -3.98
CA LEU A 190 11.41 -4.23 -3.69
C LEU A 190 12.81 -3.78 -3.40
N SER A 191 13.01 -2.46 -3.37
CA SER A 191 14.32 -1.95 -2.99
C SER A 191 14.15 -0.69 -2.15
N SER A 192 15.02 -0.58 -1.15
CA SER A 192 15.05 0.51 -0.20
C SER A 192 16.33 1.30 -0.41
N VAL A 193 16.24 2.62 -0.27
CA VAL A 193 17.35 3.52 -0.51
C VAL A 193 17.45 4.49 0.66
N VAL A 194 18.60 5.15 0.77
CA VAL A 194 18.75 6.30 1.65
C VAL A 194 19.78 7.23 1.03
N THR A 195 19.46 8.51 0.99
CA THR A 195 20.43 9.50 0.55
C THR A 195 21.18 10.02 1.75
N VAL A 196 22.48 10.20 1.58
CA VAL A 196 23.38 10.57 2.67
C VAL A 196 24.41 11.54 2.16
N PRO A 197 25.01 12.31 3.05
CA PRO A 197 26.20 13.09 2.68
C PRO A 197 27.28 12.18 2.14
N SER A 198 27.94 12.62 1.07
CA SER A 198 29.07 11.90 0.46
C SER A 198 30.43 12.30 1.04
N SER A 199 30.44 13.20 2.02
CA SER A 199 31.58 13.33 2.90
C SER A 199 31.72 12.09 3.79
N SER A 200 30.62 11.72 4.46
CA SER A 200 30.54 10.55 5.34
C SER A 200 30.55 9.24 4.57
N LEU A 201 30.78 9.27 3.26
CA LEU A 201 30.97 8.06 2.46
C LEU A 201 32.34 7.46 2.78
N GLY A 202 32.33 6.27 3.38
CA GLY A 202 33.54 5.67 3.95
C GLY A 202 33.69 5.93 5.45
N THR A 203 33.70 7.22 5.82
CA THR A 203 33.73 7.60 7.24
C THR A 203 32.60 6.92 8.01
N GLN A 204 31.38 7.06 7.52
CA GLN A 204 30.25 6.28 8.00
C GLN A 204 30.09 5.08 7.07
N THR A 205 29.66 3.96 7.64
CA THR A 205 29.36 2.76 6.87
C THR A 205 27.88 2.44 6.99
N TYR A 206 27.33 1.90 5.90
CA TYR A 206 25.89 1.87 5.68
C TYR A 206 25.46 0.44 5.40
N ILE A 207 24.56 -0.09 6.21
CA ILE A 207 24.16 -1.49 6.17
C ILE A 207 22.65 -1.60 6.40
N CYS A 208 21.92 -2.06 5.39
CA CYS A 208 20.47 -2.20 5.52
C CYS A 208 20.13 -3.52 6.19
N ASN A 209 19.05 -3.48 6.97
CA ASN A 209 18.63 -4.56 7.87
C ASN A 209 17.36 -5.15 7.29
N VAL A 210 17.44 -6.24 6.56
CA VAL A 210 16.25 -6.86 5.98
C VAL A 210 15.78 -7.98 6.90
N ASN A 211 14.46 -8.17 6.98
CA ASN A 211 13.89 -9.15 7.90
C ASN A 211 12.60 -9.66 7.25
N HIS A 212 12.67 -10.82 6.61
CA HIS A 212 11.51 -11.47 6.01
C HIS A 212 11.22 -12.67 6.91
N LYS A 213 10.32 -12.46 7.89
CA LYS A 213 9.86 -13.52 8.79
C LYS A 213 9.03 -14.63 8.19
N PRO A 214 8.33 -14.45 7.06
CA PRO A 214 7.64 -15.60 6.47
C PRO A 214 8.57 -16.78 6.19
N SER A 215 9.88 -16.52 5.95
CA SER A 215 10.87 -17.57 5.69
C SER A 215 11.93 -17.63 6.79
N ASN A 216 11.89 -16.72 7.76
CA ASN A 216 12.80 -16.73 8.92
C ASN A 216 14.22 -16.37 8.49
N THR A 217 14.32 -15.38 7.62
CA THR A 217 15.60 -14.83 7.19
C THR A 217 15.78 -13.44 7.79
N LYS A 218 16.84 -13.28 8.56
CA LYS A 218 17.30 -11.98 9.04
C LYS A 218 18.61 -11.73 8.30
N VAL A 219 18.53 -11.00 7.21
CA VAL A 219 19.70 -10.63 6.43
C VAL A 219 20.23 -9.28 6.92
N ASP A 220 21.51 -9.04 6.68
CA ASP A 220 22.09 -7.70 6.76
C ASP A 220 23.06 -7.53 5.58
N LYS A 221 22.95 -6.44 4.82
CA LYS A 221 23.84 -6.23 3.68
C LYS A 221 24.54 -4.88 3.79
N LYS A 222 25.84 -4.86 3.52
CA LYS A 222 26.61 -3.62 3.55
C LYS A 222 26.67 -3.01 2.15
N VAL A 223 26.61 -1.68 2.09
CA VAL A 223 26.59 -0.97 0.83
C VAL A 223 27.77 0.00 0.82
N GLU A 224 28.53 -0.01 -0.29
CA GLU A 224 29.80 0.68 -0.38
C GLU A 224 30.36 0.50 -1.80
N PRO A 225 31.02 1.51 -2.39
CA PRO A 225 31.55 1.35 -3.76
C PRO A 225 32.77 0.46 -3.78
N LYS A 226 33.29 0.19 -5.00
CA LYS A 226 34.43 -0.74 -5.16
C LYS A 226 35.62 -0.19 -5.95
N SER A 227 35.52 1.01 -6.50
CA SER A 227 36.66 1.75 -7.06
C SER A 227 37.40 1.05 -8.20
N CYS A 228 38.60 1.54 -8.50
CA CYS A 228 39.48 0.93 -9.50
C CYS A 228 40.42 -0.08 -8.86
N SER B 1 -29.45 -7.79 -8.16
CA SER B 1 -29.35 -6.36 -8.39
C SER B 1 -28.71 -5.66 -7.21
N ASP B 2 -27.38 -5.66 -7.16
CA ASP B 2 -26.70 -4.99 -6.07
C ASP B 2 -26.79 -3.47 -6.26
N ILE B 3 -26.77 -2.74 -5.16
CA ILE B 3 -26.68 -1.29 -5.23
C ILE B 3 -25.22 -0.91 -5.36
N GLN B 4 -24.88 -0.23 -6.44
CA GLN B 4 -23.51 0.25 -6.60
C GLN B 4 -23.39 1.68 -6.10
N MET B 5 -22.25 1.96 -5.50
CA MET B 5 -21.95 3.25 -4.89
C MET B 5 -20.75 3.84 -5.62
N THR B 6 -21.02 4.61 -6.68
CA THR B 6 -19.95 5.13 -7.53
C THR B 6 -19.37 6.42 -6.92
N GLN B 7 -18.26 6.26 -6.22
CA GLN B 7 -17.51 7.38 -5.64
C GLN B 7 -16.77 8.19 -6.67
N SER B 8 -16.78 9.52 -6.52
CA SER B 8 -15.90 10.31 -7.38
C SER B 8 -15.53 11.65 -6.75
N PRO B 9 -14.33 12.16 -6.98
CA PRO B 9 -13.29 11.67 -7.88
C PRO B 9 -12.48 10.54 -7.23
N SER B 10 -11.86 9.71 -8.08
CA SER B 10 -10.91 8.72 -7.63
C SER B 10 -9.71 9.35 -6.94
N SER B 11 -9.30 10.54 -7.37
CA SER B 11 -8.17 11.23 -6.77
C SER B 11 -8.49 12.72 -6.58
N LEU B 12 -7.69 13.37 -5.75
CA LEU B 12 -7.93 14.75 -5.39
C LEU B 12 -6.66 15.36 -4.83
N SER B 13 -6.17 16.41 -5.48
CA SER B 13 -4.93 17.02 -5.06
C SER B 13 -5.25 18.44 -4.64
N ALA B 14 -5.14 18.70 -3.35
CA ALA B 14 -5.54 19.98 -2.79
C ALA B 14 -4.43 20.43 -1.87
N SER B 15 -4.57 21.64 -1.37
CA SER B 15 -3.62 22.19 -0.42
C SER B 15 -4.37 22.63 0.84
N VAL B 16 -3.62 22.78 1.93
CA VAL B 16 -4.21 23.06 3.24
C VAL B 16 -5.02 24.35 3.19
N GLY B 17 -6.13 24.36 3.91
CA GLY B 17 -7.06 25.46 3.91
C GLY B 17 -8.17 25.32 2.90
N ASP B 18 -8.00 24.45 1.91
CA ASP B 18 -8.97 24.36 0.84
C ASP B 18 -10.26 23.72 1.32
N ARG B 19 -11.34 24.07 0.64
CA ARG B 19 -12.59 23.37 0.74
C ARG B 19 -12.57 22.20 -0.24
N VAL B 20 -12.99 21.03 0.22
CA VAL B 20 -12.86 19.79 -0.52
C VAL B 20 -14.23 19.13 -0.52
N THR B 21 -14.65 18.55 -1.65
CA THR B 21 -15.91 17.84 -1.68
C THR B 21 -15.73 16.51 -2.40
N ILE B 22 -16.30 15.44 -1.82
CA ILE B 22 -16.22 14.08 -2.36
C ILE B 22 -17.63 13.51 -2.52
N THR B 23 -17.99 13.14 -3.72
CA THR B 23 -19.35 12.72 -4.06
C THR B 23 -19.43 11.21 -4.28
N CYS B 24 -20.64 10.69 -4.12
CA CYS B 24 -20.90 9.26 -4.29
C CYS B 24 -22.38 9.09 -4.61
N ARG B 25 -22.70 8.23 -5.57
CA ARG B 25 -24.07 8.08 -6.04
C ARG B 25 -24.49 6.63 -5.99
N ALA B 26 -25.71 6.41 -5.52
CA ALA B 26 -26.25 5.09 -5.34
C ALA B 26 -27.10 4.75 -6.56
N SER B 27 -26.87 3.58 -7.13
CA SER B 27 -27.62 3.18 -8.30
C SER B 27 -29.11 3.04 -8.02
N GLN B 28 -29.51 2.92 -6.76
CA GLN B 28 -30.90 2.97 -6.33
C GLN B 28 -30.97 3.73 -5.02
N SER B 29 -32.19 3.99 -4.56
CA SER B 29 -32.33 4.72 -3.31
C SER B 29 -31.85 3.84 -2.18
N VAL B 30 -31.10 4.45 -1.28
CA VAL B 30 -30.62 3.77 -0.10
C VAL B 30 -31.16 4.44 1.15
N SER B 31 -32.24 5.22 1.01
CA SER B 31 -32.70 6.13 2.06
C SER B 31 -31.50 6.96 2.54
N SER B 32 -31.22 7.02 3.82
CA SER B 32 -30.04 7.73 4.29
C SER B 32 -29.03 6.79 4.91
N ALA B 33 -29.02 5.53 4.45
CA ALA B 33 -28.25 4.48 5.10
C ALA B 33 -26.78 4.47 4.63
N VAL B 34 -26.08 5.59 4.86
CA VAL B 34 -24.82 5.83 4.17
C VAL B 34 -23.75 6.27 5.20
N ALA B 35 -22.59 5.61 5.17
CA ALA B 35 -21.48 5.92 6.08
C ALA B 35 -20.28 6.45 5.30
N TRP B 36 -19.40 7.18 6.00
CA TRP B 36 -18.16 7.66 5.43
C TRP B 36 -16.99 7.27 6.32
N TYR B 37 -15.98 6.66 5.74
CA TYR B 37 -14.80 6.25 6.48
C TYR B 37 -13.57 6.98 5.96
N GLN B 38 -12.64 7.28 6.86
CA GLN B 38 -11.32 7.74 6.48
C GLN B 38 -10.30 6.61 6.70
N GLN B 39 -9.37 6.40 5.77
CA GLN B 39 -8.35 5.37 5.96
C GLN B 39 -6.98 5.89 5.57
N LYS B 40 -6.12 5.91 6.50
CA LYS B 40 -4.72 6.21 6.25
C LYS B 40 -3.94 4.93 6.00
N PRO B 41 -2.78 5.02 5.34
CA PRO B 41 -2.15 3.82 4.80
C PRO B 41 -1.78 2.88 5.93
N GLY B 42 -2.09 1.59 5.73
CA GLY B 42 -1.67 0.53 6.62
C GLY B 42 -2.58 0.31 7.79
N LYS B 43 -3.46 1.27 8.04
CA LYS B 43 -4.28 1.30 9.23
C LYS B 43 -5.71 0.95 8.87
N ALA B 44 -6.48 0.66 9.93
CA ALA B 44 -7.89 0.37 9.77
C ALA B 44 -8.67 1.66 9.46
N PRO B 45 -9.83 1.51 8.81
CA PRO B 45 -10.73 2.65 8.62
C PRO B 45 -11.32 3.22 9.93
N LYS B 46 -11.52 4.53 9.91
CA LYS B 46 -12.22 5.27 10.95
C LYS B 46 -13.57 5.75 10.43
N LEU B 47 -14.63 5.49 11.20
CA LEU B 47 -15.95 6.02 10.85
C LEU B 47 -15.93 7.57 10.96
N LEU B 48 -16.42 8.26 9.93
CA LEU B 48 -16.61 9.70 10.04
C LEU B 48 -18.07 10.13 10.12
N ILE B 49 -18.93 9.57 9.26
CA ILE B 49 -20.30 9.99 9.10
C ILE B 49 -21.13 8.74 9.11
N TYR B 50 -22.22 8.76 9.87
CA TYR B 50 -23.22 7.71 9.79
C TYR B 50 -24.55 8.35 9.44
N SER B 51 -25.43 7.52 8.90
CA SER B 51 -26.77 7.95 8.47
C SER B 51 -26.72 9.22 7.58
N ALA B 52 -25.71 9.24 6.73
CA ALA B 52 -25.54 10.11 5.57
C ALA B 52 -25.23 11.57 5.93
N SER B 53 -25.54 12.02 7.16
CA SER B 53 -25.21 13.40 7.52
C SER B 53 -24.80 13.61 8.95
N SER B 54 -25.05 12.64 9.87
CA SER B 54 -24.63 12.70 11.27
C SER B 54 -23.16 12.32 11.42
N LEU B 55 -22.49 13.07 12.27
CA LEU B 55 -21.04 13.00 12.40
C LEU B 55 -20.71 12.06 13.56
N TYR B 56 -19.95 11.00 13.32
CA TYR B 56 -19.59 10.11 14.40
C TYR B 56 -18.69 10.85 15.39
N SER B 57 -18.22 10.14 16.41
CA SER B 57 -17.46 10.81 17.45
C SER B 57 -16.01 10.98 17.02
N GLY B 58 -15.31 11.89 17.71
CA GLY B 58 -13.90 12.15 17.42
C GLY B 58 -13.62 12.95 16.16
N VAL B 59 -14.58 12.94 15.23
CA VAL B 59 -14.59 13.73 14.00
C VAL B 59 -14.62 15.23 14.28
N PRO B 60 -13.67 16.01 13.80
CA PRO B 60 -13.74 17.47 13.99
C PRO B 60 -14.94 18.04 13.27
N SER B 61 -15.20 19.33 13.52
CA SER B 61 -16.36 19.97 12.92
C SER B 61 -16.18 20.29 11.45
N ARG B 62 -14.93 20.40 10.96
CA ARG B 62 -14.73 20.73 9.55
C ARG B 62 -15.30 19.69 8.61
N PHE B 63 -15.58 18.47 9.10
CA PHE B 63 -16.20 17.43 8.30
C PHE B 63 -17.70 17.49 8.39
N SER B 64 -18.38 17.04 7.33
CA SER B 64 -19.83 17.20 7.27
C SER B 64 -20.42 16.41 6.11
N GLY B 65 -21.58 15.82 6.35
CA GLY B 65 -22.24 14.94 5.40
C GLY B 65 -23.57 15.51 4.95
N SER B 66 -24.00 15.05 3.78
CA SER B 66 -24.98 15.72 2.94
C SER B 66 -25.66 14.65 2.10
N ARG B 67 -26.99 14.74 1.93
CA ARG B 67 -27.70 13.86 1.00
C ARG B 67 -28.67 14.67 0.16
N SER B 68 -28.86 14.22 -1.08
CA SER B 68 -29.76 14.85 -2.04
C SER B 68 -30.14 13.74 -3.01
N GLY B 69 -31.31 13.16 -2.83
CA GLY B 69 -31.74 12.03 -3.63
C GLY B 69 -30.92 10.79 -3.35
N THR B 70 -30.26 10.30 -4.41
CA THR B 70 -29.27 9.24 -4.33
C THR B 70 -27.85 9.79 -4.36
N ASP B 71 -27.68 11.09 -4.20
CA ASP B 71 -26.38 11.75 -4.27
C ASP B 71 -25.90 12.08 -2.86
N PHE B 72 -24.81 11.45 -2.43
CA PHE B 72 -24.28 11.62 -1.09
C PHE B 72 -22.90 12.27 -1.20
N THR B 73 -22.67 13.36 -0.46
CA THR B 73 -21.35 13.98 -0.52
C THR B 73 -20.80 14.18 0.89
N LEU B 74 -19.53 13.84 1.06
CA LEU B 74 -18.72 14.31 2.17
C LEU B 74 -18.08 15.65 1.77
N THR B 75 -18.06 16.62 2.68
CA THR B 75 -17.30 17.85 2.43
C THR B 75 -16.46 18.17 3.64
N ILE B 76 -15.20 18.52 3.39
CA ILE B 76 -14.30 19.08 4.40
C ILE B 76 -14.24 20.58 4.13
N SER B 77 -14.62 21.36 5.14
CA SER B 77 -14.77 22.80 4.99
C SER B 77 -13.42 23.49 4.78
N SER B 78 -12.41 23.05 5.51
CA SER B 78 -11.07 23.61 5.45
C SER B 78 -10.08 22.51 5.73
N LEU B 79 -9.33 22.13 4.68
CA LEU B 79 -8.44 20.98 4.76
C LEU B 79 -7.29 21.22 5.71
N GLN B 80 -7.07 20.26 6.59
CA GLN B 80 -6.01 20.24 7.56
C GLN B 80 -4.98 19.17 7.21
N PRO B 81 -3.72 19.39 7.53
CA PRO B 81 -2.73 18.32 7.32
C PRO B 81 -3.16 16.93 7.82
N GLU B 82 -4.04 16.83 8.83
CA GLU B 82 -4.48 15.50 9.25
C GLU B 82 -5.49 14.89 8.29
N ASP B 83 -6.14 15.69 7.46
CA ASP B 83 -7.26 15.15 6.68
C ASP B 83 -6.82 14.74 5.28
N PHE B 84 -5.79 13.92 5.24
CA PHE B 84 -5.07 13.56 4.01
C PHE B 84 -4.97 12.04 3.95
N ALA B 85 -6.13 11.40 3.93
CA ALA B 85 -6.23 9.97 3.74
C ALA B 85 -7.01 9.65 2.47
N THR B 86 -7.33 8.38 2.31
CA THR B 86 -8.32 7.90 1.37
C THR B 86 -9.68 7.92 2.08
N TYR B 87 -10.75 8.07 1.33
CA TYR B 87 -12.08 8.22 1.92
C TYR B 87 -13.04 7.31 1.18
N TYR B 88 -13.90 6.61 1.91
CA TYR B 88 -14.82 5.67 1.28
C TYR B 88 -16.26 6.00 1.71
N CYS B 89 -17.20 5.79 0.80
CA CYS B 89 -18.63 5.83 1.14
C CYS B 89 -19.10 4.39 1.22
N GLN B 90 -20.08 4.16 2.07
CA GLN B 90 -20.69 2.85 2.21
C GLN B 90 -22.19 2.99 2.25
N GLN B 91 -22.89 2.11 1.54
CA GLN B 91 -24.33 1.95 1.68
C GLN B 91 -24.61 0.73 2.57
N SER B 92 -25.48 0.93 3.55
CA SER B 92 -25.91 -0.14 4.45
C SER B 92 -27.42 -0.34 4.35
N TYR B 93 -28.05 0.16 3.27
CA TYR B 93 -29.50 0.11 3.16
C TYR B 93 -30.00 -1.29 2.82
N SER B 94 -29.25 -2.04 2.04
CA SER B 94 -29.63 -3.43 1.84
C SER B 94 -28.40 -4.33 1.86
N PHE B 95 -28.65 -5.63 1.87
CA PHE B 95 -27.52 -6.48 1.68
C PHE B 95 -27.52 -6.96 0.24
N PRO B 96 -26.36 -7.20 -0.35
CA PRO B 96 -25.03 -7.05 0.24
C PRO B 96 -24.59 -5.59 0.29
N SER B 97 -23.80 -5.29 1.30
CA SER B 97 -23.29 -3.95 1.50
C SER B 97 -22.40 -3.54 0.31
N THR B 98 -22.24 -2.23 0.11
CA THR B 98 -21.36 -1.74 -0.94
C THR B 98 -20.52 -0.58 -0.45
N PHE B 99 -19.32 -0.47 -1.03
CA PHE B 99 -18.46 0.67 -0.82
C PHE B 99 -18.17 1.40 -2.13
N GLY B 100 -17.77 2.65 -2.00
CA GLY B 100 -17.08 3.32 -3.08
C GLY B 100 -15.72 2.67 -3.29
N GLN B 101 -15.11 2.96 -4.43
CA GLN B 101 -13.76 2.46 -4.59
C GLN B 101 -12.72 3.42 -4.03
N GLY B 102 -13.16 4.54 -3.49
CA GLY B 102 -12.32 5.36 -2.64
C GLY B 102 -11.95 6.67 -3.30
N THR B 103 -11.42 7.56 -2.47
CA THR B 103 -10.91 8.83 -2.97
C THR B 103 -9.59 9.11 -2.27
N LYS B 104 -8.54 9.27 -3.03
CA LYS B 104 -7.25 9.54 -2.44
C LYS B 104 -7.06 11.06 -2.45
N VAL B 105 -6.81 11.65 -1.29
CA VAL B 105 -6.74 13.09 -1.16
C VAL B 105 -5.34 13.49 -0.71
N GLU B 106 -4.59 14.11 -1.62
CA GLU B 106 -3.16 14.35 -1.56
C GLU B 106 -2.86 15.83 -1.35
N ILE B 107 -1.67 16.10 -0.82
CA ILE B 107 -1.23 17.44 -0.46
C ILE B 107 -0.75 18.12 -1.73
N LYS B 108 -0.89 19.43 -1.78
CA LYS B 108 -0.41 20.16 -2.93
C LYS B 108 0.75 21.04 -2.46
N ARG B 109 1.87 20.95 -3.16
CA ARG B 109 3.08 21.68 -2.79
C ARG B 109 3.65 22.30 -4.06
N THR B 110 4.73 23.05 -3.88
CA THR B 110 5.46 23.61 -5.01
C THR B 110 6.05 22.52 -5.89
N VAL B 111 6.22 22.84 -7.17
CA VAL B 111 6.78 21.88 -8.13
C VAL B 111 8.25 21.66 -7.80
N ALA B 112 8.61 20.39 -7.57
CA ALA B 112 9.97 20.02 -7.20
C ALA B 112 10.55 19.05 -8.23
N ALA B 113 11.78 19.29 -8.59
CA ALA B 113 12.37 18.45 -9.62
C ALA B 113 13.07 17.25 -8.98
N PRO B 114 13.15 16.14 -9.72
CA PRO B 114 13.76 14.91 -9.19
C PRO B 114 15.27 14.91 -9.34
N SER B 115 15.93 14.43 -8.32
CA SER B 115 17.37 14.13 -8.39
C SER B 115 17.55 12.67 -8.78
N VAL B 116 18.12 12.44 -9.97
CA VAL B 116 18.10 11.13 -10.65
C VAL B 116 19.42 10.42 -10.43
N PHE B 117 19.34 9.17 -9.94
CA PHE B 117 20.46 8.29 -9.66
C PHE B 117 20.28 6.96 -10.38
N ILE B 118 21.39 6.31 -10.78
CA ILE B 118 21.32 5.04 -11.51
C ILE B 118 22.30 4.03 -10.92
N PHE B 119 21.89 2.76 -10.93
CA PHE B 119 22.59 1.67 -10.27
C PHE B 119 22.76 0.51 -11.22
N PRO B 120 24.00 0.09 -11.51
CA PRO B 120 24.25 -1.20 -12.18
C PRO B 120 23.84 -2.38 -11.28
N PRO B 121 23.85 -3.60 -11.82
CA PRO B 121 23.71 -4.78 -10.95
C PRO B 121 24.93 -4.94 -10.07
N SER B 122 24.80 -5.87 -9.14
CA SER B 122 25.87 -6.19 -8.21
C SER B 122 26.74 -7.29 -8.82
N ASP B 123 27.96 -7.42 -8.29
CA ASP B 123 28.74 -8.59 -8.67
C ASP B 123 28.15 -9.86 -8.07
N GLU B 124 27.61 -9.75 -6.85
CA GLU B 124 26.87 -10.85 -6.23
C GLU B 124 25.75 -11.32 -7.14
N GLN B 125 24.96 -10.37 -7.64
CA GLN B 125 23.80 -10.69 -8.47
C GLN B 125 24.22 -11.24 -9.82
N LEU B 126 25.26 -10.68 -10.42
CA LEU B 126 25.79 -11.25 -11.65
C LEU B 126 26.52 -12.55 -11.40
N LYS B 127 27.06 -12.75 -10.19
CA LYS B 127 27.60 -14.06 -9.84
C LYS B 127 26.57 -15.16 -10.00
N SER B 128 25.30 -14.81 -9.91
CA SER B 128 24.21 -15.77 -9.93
C SER B 128 23.38 -15.76 -11.22
N GLY B 129 23.68 -14.88 -12.17
CA GLY B 129 23.19 -15.03 -13.54
C GLY B 129 22.07 -14.12 -14.01
N THR B 130 21.68 -13.10 -13.24
CA THR B 130 20.64 -12.15 -13.65
C THR B 130 21.10 -10.74 -13.34
N ALA B 131 20.72 -9.78 -14.19
CA ALA B 131 21.15 -8.40 -14.03
C ALA B 131 19.95 -7.50 -13.79
N SER B 132 19.92 -6.83 -12.64
CA SER B 132 18.91 -5.82 -12.36
C SER B 132 19.55 -4.44 -12.37
N VAL B 133 19.10 -3.59 -13.29
CA VAL B 133 19.55 -2.22 -13.38
C VAL B 133 18.46 -1.36 -12.77
N VAL B 134 18.81 -0.56 -11.76
CA VAL B 134 17.82 0.15 -10.95
C VAL B 134 18.12 1.63 -10.99
N CYS B 135 17.12 2.42 -11.37
CA CYS B 135 17.22 3.86 -11.45
C CYS B 135 16.28 4.49 -10.43
N LEU B 136 16.67 5.65 -9.89
CA LEU B 136 15.98 6.29 -8.77
C LEU B 136 15.65 7.76 -9.08
N LEU B 137 14.37 8.13 -8.93
CA LEU B 137 13.95 9.53 -8.92
C LEU B 137 13.61 9.91 -7.48
N ASN B 138 14.15 11.03 -7.01
CA ASN B 138 14.13 11.30 -5.57
C ASN B 138 13.53 12.66 -5.24
N ASN B 139 12.54 12.65 -4.34
CA ASN B 139 11.98 13.83 -3.68
C ASN B 139 11.53 14.91 -4.67
N PHE B 140 10.53 14.56 -5.47
CA PHE B 140 9.97 15.48 -6.45
C PHE B 140 8.46 15.63 -6.26
N TYR B 141 7.86 16.52 -7.04
CA TYR B 141 6.44 16.79 -7.08
C TYR B 141 6.12 17.60 -8.33
N PRO B 142 5.12 17.20 -9.13
CA PRO B 142 4.11 16.16 -8.88
C PRO B 142 4.53 14.74 -9.18
N ARG B 143 3.50 13.90 -9.20
CA ARG B 143 3.71 12.46 -9.27
C ARG B 143 4.10 12.02 -10.66
N GLU B 144 3.49 12.63 -11.66
CA GLU B 144 3.59 12.10 -13.01
C GLU B 144 4.96 12.41 -13.60
N ALA B 145 5.70 11.35 -13.92
CA ALA B 145 7.05 11.46 -14.46
C ALA B 145 7.31 10.22 -15.31
N LYS B 146 7.79 10.43 -16.53
CA LYS B 146 8.14 9.36 -17.46
C LYS B 146 9.57 8.92 -17.25
N VAL B 147 9.80 7.62 -17.34
CA VAL B 147 11.16 7.06 -17.32
C VAL B 147 11.32 6.16 -18.53
N GLN B 148 12.40 6.37 -19.29
CA GLN B 148 12.65 5.71 -20.56
C GLN B 148 13.99 4.99 -20.48
N TRP B 149 13.98 3.68 -20.72
CA TRP B 149 15.21 2.89 -20.71
C TRP B 149 15.74 2.76 -22.13
N LYS B 150 16.86 3.42 -22.41
CA LYS B 150 17.65 3.19 -23.61
C LYS B 150 18.90 2.38 -23.27
N VAL B 151 19.14 1.32 -24.02
CA VAL B 151 20.37 0.53 -23.95
C VAL B 151 21.09 0.71 -25.29
N ASP B 152 22.17 1.51 -25.27
CA ASP B 152 22.89 1.86 -26.49
C ASP B 152 22.02 2.69 -27.45
N ASN B 153 21.41 3.77 -26.91
CA ASN B 153 20.46 4.65 -27.62
C ASN B 153 19.24 3.92 -28.21
N ALA B 154 18.86 2.78 -27.64
CA ALA B 154 17.70 2.03 -28.11
C ALA B 154 16.67 1.90 -26.99
N LEU B 155 15.44 2.33 -27.27
CA LEU B 155 14.37 2.25 -26.26
C LEU B 155 14.10 0.80 -25.90
N GLN B 156 13.93 0.54 -24.60
CA GLN B 156 13.55 -0.78 -24.15
C GLN B 156 12.04 -0.78 -23.90
N SER B 157 11.52 -1.90 -23.43
CA SER B 157 10.10 -2.05 -23.11
C SER B 157 9.92 -3.34 -22.34
N GLY B 158 8.93 -3.37 -21.44
CA GLY B 158 8.47 -4.62 -20.87
C GLY B 158 9.47 -5.35 -20.02
N ASN B 159 10.75 -4.97 -20.03
CA ASN B 159 11.78 -5.59 -19.21
C ASN B 159 12.16 -4.73 -18.02
N SER B 160 11.19 -4.02 -17.47
CA SER B 160 11.42 -3.01 -16.44
C SER B 160 10.12 -2.74 -15.71
N GLN B 161 10.20 -2.50 -14.41
CA GLN B 161 9.01 -2.30 -13.60
C GLN B 161 9.19 -1.14 -12.64
N GLU B 162 8.22 -0.23 -12.64
CA GLU B 162 8.30 0.98 -11.82
C GLU B 162 7.67 0.75 -10.45
N SER B 163 7.86 1.73 -9.56
CA SER B 163 7.43 1.62 -8.17
C SER B 163 7.53 2.98 -7.50
N VAL B 164 6.47 3.45 -6.83
CA VAL B 164 6.37 4.83 -6.37
C VAL B 164 6.00 4.88 -4.89
N THR B 165 6.62 5.79 -4.14
CA THR B 165 6.29 5.96 -2.74
C THR B 165 4.97 6.69 -2.58
N GLU B 166 4.43 6.62 -1.36
CA GLU B 166 3.41 7.55 -0.94
C GLU B 166 4.05 8.92 -0.70
N GLN B 167 3.20 9.93 -0.61
CA GLN B 167 3.72 11.27 -0.43
C GLN B 167 4.35 11.43 0.95
N ASP B 168 5.49 12.11 0.99
CA ASP B 168 6.22 12.34 2.23
C ASP B 168 5.40 13.16 3.22
N SER B 169 5.78 13.07 4.49
CA SER B 169 5.07 13.80 5.55
C SER B 169 5.62 15.19 5.75
N LYS B 170 6.94 15.31 5.63
CA LYS B 170 7.65 16.54 5.96
C LYS B 170 7.62 17.53 4.80
N ASP B 171 8.20 17.14 3.65
CA ASP B 171 8.17 17.94 2.44
C ASP B 171 7.14 17.47 1.41
N SER B 172 6.37 16.43 1.71
CA SER B 172 5.33 15.91 0.82
C SER B 172 5.80 15.79 -0.63
N THR B 173 6.91 15.07 -0.82
CA THR B 173 7.44 14.73 -2.12
C THR B 173 7.04 13.30 -2.49
N TYR B 174 7.45 12.91 -3.69
CA TYR B 174 7.38 11.54 -4.15
C TYR B 174 8.80 11.02 -4.38
N SER B 175 8.91 9.71 -4.62
CA SER B 175 10.12 9.07 -5.12
C SER B 175 9.70 7.86 -5.95
N LEU B 176 10.38 7.65 -7.09
CA LEU B 176 10.00 6.55 -7.98
C LEU B 176 11.21 5.67 -8.27
N SER B 177 10.92 4.38 -8.52
CA SER B 177 11.85 3.28 -8.72
C SER B 177 11.57 2.61 -10.04
N SER B 178 12.62 2.21 -10.75
CA SER B 178 12.49 1.48 -12.00
C SER B 178 13.62 0.47 -12.11
N THR B 179 13.28 -0.74 -12.56
CA THR B 179 14.21 -1.86 -12.51
C THR B 179 14.15 -2.62 -13.83
N LEU B 180 15.21 -2.53 -14.62
CA LEU B 180 15.37 -3.32 -15.84
C LEU B 180 15.96 -4.69 -15.49
N THR B 181 15.26 -5.75 -15.85
CA THR B 181 15.71 -7.10 -15.54
C THR B 181 16.25 -7.77 -16.81
N LEU B 182 17.42 -8.39 -16.68
CA LEU B 182 18.12 -9.01 -17.79
C LEU B 182 18.79 -10.29 -17.34
N SER B 183 18.94 -11.23 -18.27
CA SER B 183 19.83 -12.35 -18.04
C SER B 183 21.27 -11.85 -18.05
N LYS B 184 22.12 -12.48 -17.23
CA LYS B 184 23.50 -12.03 -17.12
C LYS B 184 24.18 -12.03 -18.49
N ALA B 185 23.73 -12.91 -19.39
CA ALA B 185 24.26 -12.92 -20.75
C ALA B 185 23.92 -11.63 -21.49
N ASP B 186 22.65 -11.24 -21.47
CA ASP B 186 22.22 -10.04 -22.18
C ASP B 186 22.87 -8.79 -21.61
N TYR B 187 23.14 -8.78 -20.30
CA TYR B 187 23.82 -7.66 -19.67
C TYR B 187 25.25 -7.50 -20.19
N GLU B 188 25.95 -8.60 -20.37
CA GLU B 188 27.34 -8.55 -20.80
C GLU B 188 27.50 -8.31 -22.29
N LYS B 189 26.39 -8.29 -23.04
CA LYS B 189 26.39 -8.06 -24.47
C LYS B 189 26.36 -6.58 -24.83
N HIS B 190 26.40 -5.69 -23.84
CA HIS B 190 26.20 -4.28 -24.11
C HIS B 190 27.04 -3.47 -23.15
N LYS B 191 27.29 -2.21 -23.52
CA LYS B 191 28.15 -1.31 -22.78
C LYS B 191 27.40 -0.11 -22.19
N VAL B 192 26.57 0.56 -22.99
CA VAL B 192 25.85 1.74 -22.56
C VAL B 192 24.44 1.35 -22.16
N TYR B 193 24.12 1.57 -20.87
CA TYR B 193 22.78 1.49 -20.32
C TYR B 193 22.43 2.87 -19.78
N ALA B 194 21.27 3.39 -20.15
CA ALA B 194 20.92 4.76 -19.77
C ALA B 194 19.49 4.84 -19.24
N CYS B 195 19.26 5.84 -18.41
CA CYS B 195 18.00 6.07 -17.70
C CYS B 195 17.51 7.48 -17.98
N GLU B 196 16.45 7.59 -18.77
CA GLU B 196 16.01 8.87 -19.30
C GLU B 196 14.74 9.31 -18.58
N VAL B 197 14.82 10.43 -17.87
CA VAL B 197 13.71 10.93 -17.04
C VAL B 197 13.21 12.23 -17.64
N THR B 198 11.92 12.27 -17.93
CA THR B 198 11.22 13.50 -18.29
C THR B 198 10.29 13.86 -17.15
N HIS B 199 10.46 15.05 -16.57
CA HIS B 199 9.56 15.52 -15.53
C HIS B 199 9.37 17.03 -15.67
N GLN B 200 8.28 17.51 -15.06
CA GLN B 200 7.93 18.91 -15.16
C GLN B 200 9.02 19.80 -14.59
N GLY B 201 9.61 19.38 -13.45
CA GLY B 201 10.69 20.12 -12.85
C GLY B 201 11.92 20.27 -13.73
N LEU B 202 12.00 19.51 -14.82
CA LEU B 202 13.14 19.53 -15.72
C LEU B 202 12.79 20.28 -17.00
N SER B 203 13.59 21.31 -17.31
CA SER B 203 13.48 22.00 -18.59
C SER B 203 13.79 21.07 -19.75
N SER B 204 14.75 20.17 -19.57
CA SER B 204 15.10 19.17 -20.56
C SER B 204 15.28 17.83 -19.85
N PRO B 205 14.66 16.76 -20.37
CA PRO B 205 14.80 15.43 -19.74
C PRO B 205 16.22 15.02 -19.34
N VAL B 206 16.43 14.75 -18.02
CA VAL B 206 17.74 14.46 -17.44
C VAL B 206 18.07 12.98 -17.57
N THR B 207 19.34 12.69 -17.88
CA THR B 207 19.82 11.36 -18.23
C THR B 207 20.98 10.95 -17.32
N LYS B 208 20.99 9.67 -16.91
CA LYS B 208 22.08 9.07 -16.12
C LYS B 208 22.43 7.71 -16.71
N SER B 209 23.68 7.28 -16.54
CA SER B 209 24.14 6.09 -17.28
C SER B 209 25.49 5.58 -16.73
N PHE B 210 26.05 4.57 -17.42
CA PHE B 210 27.25 3.84 -17.00
C PHE B 210 27.73 2.89 -18.10
N ASN B 211 29.01 2.47 -18.01
CA ASN B 211 29.62 1.49 -18.92
C ASN B 211 29.50 0.10 -18.26
N ARG B 212 30.09 -0.96 -18.81
CA ARG B 212 29.83 -2.25 -18.17
C ARG B 212 30.79 -2.54 -17.02
N GLY B 213 32.10 -2.38 -17.22
CA GLY B 213 33.06 -2.56 -16.16
C GLY B 213 33.49 -1.28 -15.51
N GLU B 214 32.88 -0.18 -15.90
CA GLU B 214 33.18 1.17 -15.46
C GLU B 214 33.42 1.22 -13.96
N CYS B 215 34.56 1.79 -13.56
CA CYS B 215 34.98 1.78 -12.17
C CYS B 215 35.69 3.07 -11.78
#